data_2OJ9
#
_entry.id   2OJ9
#
_cell.length_a   57.271
_cell.length_b   44.289
_cell.length_c   65.744
_cell.angle_alpha   90.00
_cell.angle_beta   99.05
_cell.angle_gamma   90.00
#
_symmetry.space_group_name_H-M   'P 1 21 1'
#
loop_
_entity.id
_entity.type
_entity.pdbx_description
1 polymer 'Insulin-like growth factor 1 receptor precursor (EC 2.7.10.1) (Insulin-like growth factor I receptor) (IGF-I receptor) (CD221 antigen)'
2 non-polymer 3-[5-(1H-IMIDAZOL-1-YL)-7-METHYL-1H-BENZIMIDAZOL-2-YL]-4-[(PYRIDIN-2-YLMETHYL)AMINO]PYRIDIN-2(1H)-ONE
3 water water
#
_entity_poly.entity_id   1
_entity_poly.type   'polypeptide(L)'
_entity_poly.pdbx_seq_one_letter_code
;MVSAADVYVPDEWEVAREKITMSRELGQGSFGMVYEGVAKGVVKDEPETRVAIKTVNEAASMRERIEFLNEASVMKEFNC
HHVVRLLGVVSQGQPTLVIMELMTRGDLKSYLRSLRPEMENNPVLAPPSLSKMIQMAGEIADGMAYLNANKFVHRDLAAR
NCMVAEDFTVKIGDFGMTRDIYETDYYRKGGKGLLPVRWMSPESLKDGVFTTYSDVWSFGVVLWEIATLAEQPYQGLSNE
QVLRFVMEGGLLDKPDNCPDMLFELMRMCWQYNPKMRPSFLEIISSIKEEMEPGFREVSFYYSEENK
;
_entity_poly.pdbx_strand_id   A
#
loop_
_chem_comp.id
_chem_comp.type
_chem_comp.name
_chem_comp.formula
BMI non-polymer 3-[5-(1H-IMIDAZOL-1-YL)-7-METHYL-1H-BENZIMIDAZOL-2-YL]-4-[(PYRIDIN-2-YLMETHYL)AMINO]PYRIDIN-2(1H)-ONE 'C22 H19 N7 O'
#
# COMPACT_ATOMS: atom_id res chain seq x y z
N ALA A 5 -29.16 1.81 -10.83
CA ALA A 5 -27.88 2.04 -10.16
C ALA A 5 -27.08 0.76 -10.05
N ASP A 6 -25.76 0.89 -9.93
CA ASP A 6 -24.87 -0.27 -9.76
C ASP A 6 -25.06 -0.75 -8.32
N VAL A 7 -26.31 -0.65 -7.86
CA VAL A 7 -26.70 -0.96 -6.49
C VAL A 7 -26.08 -2.05 -5.64
N TYR A 8 -25.27 -1.62 -4.69
CA TYR A 8 -24.72 -2.48 -3.65
C TYR A 8 -25.44 -1.89 -2.43
N VAL A 9 -24.79 -1.67 -1.30
CA VAL A 9 -25.50 -1.07 -0.17
C VAL A 9 -25.03 0.35 0.16
N PRO A 10 -25.43 1.34 -0.66
CA PRO A 10 -25.21 2.79 -0.81
C PRO A 10 -24.57 3.58 0.35
N ASP A 11 -25.06 3.38 1.57
CA ASP A 11 -24.53 4.06 2.75
C ASP A 11 -24.11 5.54 2.66
N GLU A 12 -23.68 6.07 3.81
CA GLU A 12 -23.28 7.47 3.95
C GLU A 12 -22.10 7.91 3.08
N TRP A 13 -21.45 6.95 2.43
CA TRP A 13 -20.30 7.26 1.57
C TRP A 13 -20.71 7.62 0.13
N GLU A 14 -21.98 7.43 -0.21
CA GLU A 14 -22.42 7.74 -1.56
C GLU A 14 -22.32 9.24 -1.78
N VAL A 15 -21.91 9.62 -2.98
CA VAL A 15 -21.77 11.01 -3.36
C VAL A 15 -22.47 11.18 -4.69
N ALA A 16 -23.25 12.24 -4.83
CA ALA A 16 -23.96 12.50 -6.08
C ALA A 16 -22.92 12.71 -7.18
N ARG A 17 -23.16 12.16 -8.36
CA ARG A 17 -22.20 12.34 -9.42
C ARG A 17 -22.08 13.77 -9.91
N GLU A 18 -23.11 14.59 -9.71
CA GLU A 18 -23.06 15.99 -10.15
C GLU A 18 -22.03 16.76 -9.37
N LYS A 19 -21.57 16.19 -8.25
CA LYS A 19 -20.56 16.84 -7.42
C LYS A 19 -19.13 16.55 -7.89
N ILE A 20 -19.02 15.66 -8.87
CA ILE A 20 -17.71 15.26 -9.39
C ILE A 20 -17.43 15.78 -10.80
N THR A 21 -16.22 16.28 -11.00
CA THR A 21 -15.77 16.73 -12.31
C THR A 21 -14.46 16.00 -12.60
N MET A 22 -14.39 15.35 -13.77
CA MET A 22 -13.18 14.62 -14.15
C MET A 22 -12.39 15.46 -15.16
N SER A 23 -11.17 15.82 -14.80
CA SER A 23 -10.32 16.66 -15.62
C SER A 23 -9.49 15.92 -16.68
N ARG A 24 -8.60 15.05 -16.22
CA ARG A 24 -7.72 14.31 -17.11
C ARG A 24 -7.35 12.97 -16.50
N GLU A 25 -6.79 12.11 -17.33
CA GLU A 25 -6.38 10.78 -16.91
C GLU A 25 -5.14 10.80 -16.02
N LEU A 26 -5.07 9.84 -15.10
CA LEU A 26 -3.88 9.67 -14.29
C LEU A 26 -3.18 8.46 -14.89
N GLY A 27 -3.93 7.38 -15.06
CA GLY A 27 -3.37 6.18 -15.63
C GLY A 27 -4.29 4.99 -15.43
N GLN A 28 -3.90 3.86 -16.02
CA GLN A 28 -4.69 2.66 -15.93
C GLN A 28 -4.69 2.06 -14.52
N GLY A 29 -5.86 1.68 -14.05
CA GLY A 29 -6.04 1.02 -12.77
C GLY A 29 -6.46 -0.40 -13.06
N SER A 30 -6.52 -1.24 -12.03
CA SER A 30 -6.89 -2.63 -12.17
C SER A 30 -8.27 -2.85 -12.81
N PHE A 31 -9.25 -2.05 -12.41
CA PHE A 31 -10.61 -2.21 -12.92
C PHE A 31 -10.93 -1.26 -14.07
N GLY A 32 -10.00 -0.36 -14.39
CA GLY A 32 -10.23 0.62 -15.43
C GLY A 32 -9.40 1.87 -15.20
N MET A 33 -9.61 2.87 -16.05
CA MET A 33 -8.82 4.09 -15.97
C MET A 33 -9.05 4.93 -14.70
N VAL A 34 -7.98 5.57 -14.24
CA VAL A 34 -8.07 6.44 -13.07
C VAL A 34 -7.89 7.87 -13.55
N TYR A 35 -8.78 8.76 -13.15
CA TYR A 35 -8.66 10.17 -13.56
C TYR A 35 -8.43 11.07 -12.35
N GLU A 36 -7.94 12.28 -12.59
CA GLU A 36 -7.79 13.27 -11.53
C GLU A 36 -8.93 14.25 -11.78
N GLY A 37 -9.45 14.85 -10.73
CA GLY A 37 -10.56 15.77 -10.89
C GLY A 37 -10.85 16.50 -9.59
N VAL A 38 -12.08 16.98 -9.44
CA VAL A 38 -12.48 17.71 -8.25
C VAL A 38 -13.83 17.20 -7.79
N ALA A 39 -14.04 17.18 -6.49
CA ALA A 39 -15.32 16.76 -5.92
C ALA A 39 -15.77 17.82 -4.92
N LYS A 40 -17.04 18.18 -4.97
CA LYS A 40 -17.61 19.16 -4.05
C LYS A 40 -18.08 18.48 -2.77
N GLY A 41 -17.84 19.15 -1.64
CA GLY A 41 -18.25 18.68 -0.33
C GLY A 41 -17.83 17.29 0.12
N VAL A 42 -16.58 16.90 -0.11
CA VAL A 42 -16.11 15.60 0.38
C VAL A 42 -15.19 15.76 1.59
N VAL A 43 -14.74 16.98 1.84
CA VAL A 43 -13.88 17.26 2.98
C VAL A 43 -14.44 18.44 3.78
N LYS A 44 -14.55 18.25 5.08
CA LYS A 44 -15.11 19.22 6.02
C LYS A 44 -15.05 20.73 5.73
N ASP A 45 -13.84 21.28 5.66
CA ASP A 45 -13.70 22.73 5.46
C ASP A 45 -13.59 23.15 4.00
N GLU A 46 -13.54 22.16 3.11
CA GLU A 46 -13.33 22.43 1.70
C GLU A 46 -14.56 22.38 0.81
N PRO A 47 -14.83 23.48 0.08
CA PRO A 47 -15.98 23.51 -0.83
C PRO A 47 -15.78 22.47 -1.92
N GLU A 48 -14.57 22.44 -2.48
CA GLU A 48 -14.20 21.48 -3.50
C GLU A 48 -12.81 20.93 -3.18
N THR A 49 -12.56 19.68 -3.56
CA THR A 49 -11.28 19.03 -3.27
C THR A 49 -10.73 18.36 -4.52
N ARG A 50 -9.41 18.43 -4.71
CA ARG A 50 -8.79 17.72 -5.81
C ARG A 50 -8.80 16.24 -5.40
N VAL A 51 -9.18 15.34 -6.30
CA VAL A 51 -9.29 13.93 -5.98
C VAL A 51 -8.86 13.05 -7.12
N ALA A 52 -8.79 11.75 -6.83
CA ALA A 52 -8.53 10.74 -7.84
C ALA A 52 -9.89 10.06 -8.05
N ILE A 53 -10.21 9.76 -9.31
CA ILE A 53 -11.48 9.11 -9.64
C ILE A 53 -11.19 7.79 -10.32
N LYS A 54 -11.51 6.70 -9.63
CA LYS A 54 -11.29 5.38 -10.18
C LYS A 54 -12.56 4.94 -10.87
N THR A 55 -12.42 4.37 -12.07
CA THR A 55 -13.56 3.92 -12.83
C THR A 55 -13.43 2.43 -13.15
N VAL A 56 -14.53 1.82 -13.60
CA VAL A 56 -14.51 0.43 -14.00
C VAL A 56 -14.84 0.36 -15.50
N ASN A 57 -14.18 -0.54 -16.22
CA ASN A 57 -14.39 -0.69 -17.67
C ASN A 57 -15.87 -0.69 -18.04
N GLU A 58 -16.20 -0.04 -19.15
CA GLU A 58 -17.59 0.03 -19.62
C GLU A 58 -18.10 -1.40 -19.74
N ALA A 59 -17.18 -2.30 -20.09
CA ALA A 59 -17.46 -3.72 -20.17
C ALA A 59 -17.25 -4.25 -18.76
N ALA A 60 -18.35 -4.55 -18.07
CA ALA A 60 -18.29 -5.07 -16.71
C ALA A 60 -19.70 -5.33 -16.20
N SER A 61 -19.88 -6.49 -15.58
CA SER A 61 -21.18 -6.93 -15.07
C SER A 61 -21.52 -6.31 -13.71
N MET A 62 -22.75 -6.55 -13.27
CA MET A 62 -23.20 -6.06 -11.97
C MET A 62 -22.27 -6.60 -10.87
N ARG A 63 -21.92 -7.88 -11.01
CA ARG A 63 -21.04 -8.54 -10.05
C ARG A 63 -19.68 -7.83 -9.97
N GLU A 64 -19.03 -7.69 -11.13
CA GLU A 64 -17.73 -7.05 -11.22
C GLU A 64 -17.73 -5.60 -10.71
N ARG A 65 -18.84 -4.90 -10.93
CA ARG A 65 -18.97 -3.51 -10.50
C ARG A 65 -19.17 -3.49 -8.98
N ILE A 66 -19.90 -4.48 -8.48
CA ILE A 66 -20.15 -4.60 -7.05
C ILE A 66 -18.83 -4.97 -6.37
N GLU A 67 -18.04 -5.79 -7.06
CA GLU A 67 -16.72 -6.23 -6.59
C GLU A 67 -15.84 -5.01 -6.38
N PHE A 68 -15.72 -4.21 -7.44
CA PHE A 68 -14.97 -2.96 -7.45
C PHE A 68 -15.39 -2.11 -6.25
N LEU A 69 -16.69 -2.05 -5.98
CA LEU A 69 -17.23 -1.27 -4.86
C LEU A 69 -16.91 -1.90 -3.51
N ASN A 70 -17.07 -3.22 -3.42
CA ASN A 70 -16.79 -3.91 -2.17
C ASN A 70 -15.31 -3.81 -1.82
N GLU A 71 -14.47 -3.92 -2.84
CA GLU A 71 -13.02 -3.85 -2.65
C GLU A 71 -12.63 -2.53 -2.02
N ALA A 72 -13.22 -1.45 -2.52
CA ALA A 72 -12.95 -0.10 -2.03
C ALA A 72 -13.52 0.16 -0.65
N SER A 73 -14.61 -0.52 -0.30
CA SER A 73 -15.26 -0.31 0.98
C SER A 73 -14.50 -0.73 2.23
N VAL A 74 -13.37 -1.38 2.05
CA VAL A 74 -12.61 -1.75 3.24
C VAL A 74 -12.03 -0.49 3.86
N MET A 75 -11.58 0.44 3.01
CA MET A 75 -11.01 1.69 3.50
C MET A 75 -11.97 2.65 4.13
N LYS A 76 -13.25 2.31 4.14
CA LYS A 76 -14.23 3.19 4.76
C LYS A 76 -13.92 3.26 6.25
N GLU A 77 -13.25 2.23 6.76
CA GLU A 77 -12.94 2.21 8.19
C GLU A 77 -11.64 2.89 8.62
N PHE A 78 -10.86 3.38 7.65
CA PHE A 78 -9.58 4.00 7.98
C PHE A 78 -9.59 5.52 8.00
N ASN A 79 -8.88 6.08 8.98
CA ASN A 79 -8.72 7.52 9.06
C ASN A 79 -7.33 7.79 9.57
N CYS A 80 -6.37 7.80 8.65
CA CYS A 80 -4.97 7.96 9.05
C CYS A 80 -4.23 8.73 7.99
N HIS A 81 -3.41 9.68 8.43
CA HIS A 81 -2.64 10.48 7.48
C HIS A 81 -1.77 9.62 6.55
N HIS A 82 -1.36 8.44 7.04
CA HIS A 82 -0.46 7.56 6.28
C HIS A 82 -1.13 6.38 5.58
N VAL A 83 -2.43 6.53 5.34
CA VAL A 83 -3.21 5.54 4.60
C VAL A 83 -4.07 6.33 3.61
N VAL A 84 -4.02 5.96 2.34
CA VAL A 84 -4.77 6.70 1.32
C VAL A 84 -6.25 6.68 1.70
N ARG A 85 -6.85 7.85 1.73
CA ARG A 85 -8.23 8.02 2.16
C ARG A 85 -9.27 7.78 1.07
N LEU A 86 -10.37 7.12 1.46
CA LEU A 86 -11.48 6.94 0.54
C LEU A 86 -12.37 8.15 0.80
N LEU A 87 -12.82 8.83 -0.25
CA LEU A 87 -13.62 10.04 -0.06
C LEU A 87 -15.11 9.92 -0.42
N GLY A 88 -15.43 8.99 -1.32
CA GLY A 88 -16.80 8.79 -1.74
C GLY A 88 -16.96 7.65 -2.71
N VAL A 89 -18.21 7.28 -2.96
CA VAL A 89 -18.52 6.23 -3.91
C VAL A 89 -19.74 6.62 -4.73
N VAL A 90 -19.66 6.43 -6.04
CA VAL A 90 -20.79 6.68 -6.94
C VAL A 90 -21.25 5.30 -7.43
N SER A 91 -22.23 4.74 -6.74
CA SER A 91 -22.75 3.42 -7.08
C SER A 91 -24.11 3.48 -7.78
N GLN A 92 -24.74 4.66 -7.76
CA GLN A 92 -26.06 4.78 -8.38
C GLN A 92 -25.99 5.18 -9.84
N GLY A 93 -26.17 4.18 -10.71
CA GLY A 93 -26.13 4.36 -12.14
C GLY A 93 -24.72 4.21 -12.66
N GLN A 94 -24.57 4.29 -13.97
CA GLN A 94 -23.28 4.19 -14.63
C GLN A 94 -22.83 5.60 -14.96
N PRO A 95 -21.52 5.85 -14.92
CA PRO A 95 -20.48 4.87 -14.59
C PRO A 95 -20.28 4.74 -13.08
N THR A 96 -19.77 3.59 -12.68
CA THR A 96 -19.48 3.30 -11.28
C THR A 96 -18.16 3.99 -10.96
N LEU A 97 -18.13 4.77 -9.88
CA LEU A 97 -16.92 5.49 -9.52
C LEU A 97 -16.55 5.34 -8.05
N VAL A 98 -15.26 5.50 -7.79
CA VAL A 98 -14.73 5.52 -6.43
C VAL A 98 -13.88 6.77 -6.35
N ILE A 99 -14.18 7.63 -5.37
CA ILE A 99 -13.46 8.88 -5.20
C ILE A 99 -12.45 8.72 -4.07
N MET A 100 -11.19 9.01 -4.36
CA MET A 100 -10.11 8.86 -3.39
C MET A 100 -9.26 10.10 -3.25
N GLU A 101 -8.50 10.13 -2.16
CA GLU A 101 -7.52 11.17 -1.93
C GLU A 101 -6.54 11.07 -3.09
N LEU A 102 -6.17 12.22 -3.64
CA LEU A 102 -5.27 12.25 -4.80
C LEU A 102 -3.79 12.09 -4.43
N MET A 103 -3.14 11.15 -5.08
CA MET A 103 -1.70 10.90 -4.84
C MET A 103 -1.05 11.02 -6.23
N THR A 104 -0.62 12.23 -6.56
CA THR A 104 -0.09 12.55 -7.89
C THR A 104 1.09 11.73 -8.40
N ARG A 105 1.91 11.22 -7.50
CA ARG A 105 3.10 10.50 -7.93
C ARG A 105 2.97 8.99 -8.17
N GLY A 106 1.74 8.49 -8.16
CA GLY A 106 1.47 7.09 -8.42
C GLY A 106 1.96 6.14 -7.34
N ASP A 107 2.10 4.87 -7.72
CA ASP A 107 2.55 3.85 -6.79
C ASP A 107 4.03 3.96 -6.47
N LEU A 108 4.42 3.55 -5.26
CA LEU A 108 5.81 3.65 -4.82
C LEU A 108 6.82 2.82 -5.62
N LYS A 109 6.39 1.67 -6.14
CA LYS A 109 7.29 0.87 -6.97
C LYS A 109 7.66 1.65 -8.24
N SER A 110 6.66 2.26 -8.89
CA SER A 110 6.88 3.03 -10.10
C SER A 110 7.71 4.26 -9.78
N TYR A 111 7.37 4.93 -8.69
CA TYR A 111 8.12 6.12 -8.29
C TYR A 111 9.60 5.77 -8.09
N LEU A 112 9.86 4.65 -7.43
CA LEU A 112 11.24 4.23 -7.15
C LEU A 112 12.03 3.96 -8.41
N ARG A 113 11.43 3.22 -9.34
CA ARG A 113 12.07 2.91 -10.61
C ARG A 113 12.34 4.18 -11.43
N SER A 114 11.50 5.19 -11.25
CA SER A 114 11.70 6.46 -11.96
C SER A 114 12.97 7.19 -11.48
N LEU A 115 13.52 6.78 -10.34
CA LEU A 115 14.71 7.43 -9.82
C LEU A 115 16.00 6.76 -10.31
N ARG A 116 15.86 5.71 -11.11
CA ARG A 116 17.03 4.98 -11.59
C ARG A 116 17.97 5.85 -12.45
N PRO A 117 19.29 5.66 -12.29
CA PRO A 117 20.28 6.46 -13.02
C PRO A 117 20.09 6.40 -14.53
N GLU A 118 19.71 5.22 -15.02
CA GLU A 118 19.50 5.02 -16.45
C GLU A 118 18.07 4.57 -16.72
N PRO A 127 18.61 8.94 -6.34
CA PRO A 127 17.98 8.05 -5.35
C PRO A 127 17.78 8.76 -4.00
N PRO A 128 16.92 8.22 -3.14
CA PRO A 128 16.71 8.89 -1.86
C PRO A 128 17.94 8.73 -0.95
N SER A 129 18.25 9.77 -0.20
CA SER A 129 19.35 9.73 0.76
C SER A 129 18.88 8.87 1.92
N LEU A 130 19.78 8.49 2.81
CA LEU A 130 19.37 7.66 3.94
C LEU A 130 18.26 8.35 4.74
N SER A 131 18.37 9.66 4.91
CA SER A 131 17.36 10.39 5.65
C SER A 131 15.99 10.36 4.96
N LYS A 132 15.99 10.36 3.62
CA LYS A 132 14.74 10.33 2.87
C LYS A 132 14.13 8.92 2.92
N MET A 133 14.99 7.92 2.95
CA MET A 133 14.56 6.53 3.01
C MET A 133 13.95 6.24 4.39
N ILE A 134 14.52 6.87 5.42
CA ILE A 134 14.02 6.70 6.78
C ILE A 134 12.63 7.32 6.88
N GLN A 135 12.47 8.47 6.22
CA GLN A 135 11.20 9.17 6.23
C GLN A 135 10.11 8.29 5.60
N MET A 136 10.38 7.73 4.42
CA MET A 136 9.43 6.80 3.77
C MET A 136 9.12 5.61 4.68
N ALA A 137 10.17 5.00 5.23
CA ALA A 137 10.01 3.85 6.11
C ALA A 137 9.11 4.20 7.31
N GLY A 138 9.35 5.35 7.93
CA GLY A 138 8.57 5.79 9.08
C GLY A 138 7.11 6.03 8.74
N GLU A 139 6.87 6.61 7.56
CA GLU A 139 5.51 6.90 7.11
C GLU A 139 4.76 5.61 6.80
N ILE A 140 5.45 4.68 6.13
CA ILE A 140 4.86 3.39 5.82
C ILE A 140 4.59 2.63 7.12
N ALA A 141 5.55 2.67 8.05
CA ALA A 141 5.37 1.94 9.31
C ALA A 141 4.27 2.57 10.15
N ASP A 142 4.11 3.88 10.07
CA ASP A 142 3.04 4.55 10.82
C ASP A 142 1.67 4.14 10.29
N GLY A 143 1.52 4.07 8.97
CA GLY A 143 0.27 3.65 8.37
C GLY A 143 -0.05 2.21 8.75
N MET A 144 0.97 1.36 8.77
CA MET A 144 0.80 -0.05 9.13
C MET A 144 0.50 -0.24 10.61
N ALA A 145 1.18 0.55 11.45
CA ALA A 145 0.97 0.47 12.89
C ALA A 145 -0.48 0.85 13.18
N TYR A 146 -1.00 1.81 12.43
CA TYR A 146 -2.39 2.25 12.58
C TYR A 146 -3.36 1.12 12.19
N LEU A 147 -3.08 0.45 11.09
CA LEU A 147 -3.93 -0.65 10.64
C LEU A 147 -3.87 -1.82 11.62
N ASN A 148 -2.66 -2.21 12.02
CA ASN A 148 -2.51 -3.33 12.95
C ASN A 148 -3.19 -3.02 14.30
N ALA A 149 -3.12 -1.76 14.73
CA ALA A 149 -3.75 -1.35 15.99
C ALA A 149 -5.26 -1.53 15.87
N ASN A 150 -5.79 -1.36 14.66
CA ASN A 150 -7.21 -1.51 14.42
C ASN A 150 -7.60 -2.91 13.96
N LYS A 151 -6.70 -3.88 14.20
CA LYS A 151 -6.95 -5.29 13.88
C LYS A 151 -6.99 -5.64 12.41
N PHE A 152 -6.43 -4.78 11.58
CA PHE A 152 -6.39 -5.05 10.16
C PHE A 152 -5.03 -5.63 9.78
N VAL A 153 -5.05 -6.71 9.02
CA VAL A 153 -3.82 -7.33 8.52
C VAL A 153 -3.87 -7.09 7.02
N HIS A 154 -2.86 -6.39 6.50
CA HIS A 154 -2.81 -5.99 5.09
C HIS A 154 -2.77 -7.17 4.12
N ARG A 155 -1.82 -8.06 4.34
CA ARG A 155 -1.64 -9.27 3.53
C ARG A 155 -0.94 -9.07 2.19
N ASP A 156 -0.80 -7.82 1.76
CA ASP A 156 -0.13 -7.52 0.50
C ASP A 156 0.71 -6.23 0.55
N LEU A 157 1.44 -6.03 1.64
CA LEU A 157 2.30 -4.86 1.74
C LEU A 157 3.49 -5.04 0.81
N ALA A 158 3.74 -4.01 -0.01
CA ALA A 158 4.79 -4.02 -1.02
C ALA A 158 4.83 -2.60 -1.56
N ALA A 159 5.95 -2.21 -2.17
CA ALA A 159 6.02 -0.85 -2.72
C ALA A 159 4.89 -0.56 -3.69
N ARG A 160 4.52 -1.57 -4.49
CA ARG A 160 3.45 -1.41 -5.50
C ARG A 160 2.10 -1.09 -4.87
N ASN A 161 1.95 -1.41 -3.60
CA ASN A 161 0.70 -1.14 -2.89
C ASN A 161 0.81 0.04 -1.94
N CYS A 162 1.80 0.90 -2.18
CA CYS A 162 1.95 2.14 -1.42
C CYS A 162 1.85 3.24 -2.45
N MET A 163 1.41 4.42 -2.04
CA MET A 163 1.29 5.52 -2.99
C MET A 163 2.13 6.71 -2.56
N VAL A 164 2.42 7.61 -3.49
CA VAL A 164 3.27 8.77 -3.22
C VAL A 164 2.54 10.07 -3.54
N ALA A 165 2.45 10.95 -2.54
CA ALA A 165 1.76 12.23 -2.69
C ALA A 165 2.60 13.28 -3.41
N GLU A 166 1.93 14.36 -3.82
CA GLU A 166 2.62 15.48 -4.49
C GLU A 166 3.85 15.93 -3.69
N ASP A 167 3.67 16.10 -2.38
CA ASP A 167 4.75 16.49 -1.49
C ASP A 167 5.67 15.32 -1.09
N PHE A 168 5.54 14.20 -1.80
CA PHE A 168 6.38 13.05 -1.59
C PHE A 168 6.06 12.14 -0.39
N THR A 169 5.02 12.48 0.35
CA THR A 169 4.60 11.65 1.50
C THR A 169 4.21 10.27 0.98
N VAL A 170 4.63 9.22 1.68
CA VAL A 170 4.26 7.85 1.32
C VAL A 170 3.08 7.39 2.18
N LYS A 171 2.14 6.68 1.57
CA LYS A 171 0.97 6.20 2.30
C LYS A 171 0.59 4.80 1.85
N ILE A 172 -0.02 4.04 2.74
CA ILE A 172 -0.45 2.68 2.42
C ILE A 172 -1.68 2.76 1.51
N GLY A 173 -1.70 1.93 0.47
CA GLY A 173 -2.82 1.81 -0.46
C GLY A 173 -3.54 0.47 -0.26
N ASP A 174 -4.34 0.06 -1.24
CA ASP A 174 -5.14 -1.16 -1.14
C ASP A 174 -4.44 -2.53 -1.22
N PHE A 175 -5.01 -3.52 -0.53
CA PHE A 175 -4.49 -4.88 -0.63
C PHE A 175 -4.72 -5.21 -2.10
N GLY A 176 -3.70 -5.72 -2.77
CA GLY A 176 -3.80 -5.94 -4.20
C GLY A 176 -3.94 -4.55 -4.81
N MET A 177 -4.99 -4.31 -5.58
CA MET A 177 -5.22 -2.99 -6.16
C MET A 177 -4.19 -2.67 -7.24
N THR A 178 -2.98 -3.17 -7.05
CA THR A 178 -1.91 -3.00 -8.02
C THR A 178 -1.37 -4.42 -8.27
N ARG A 179 -2.29 -5.29 -8.67
CA ARG A 179 -1.99 -6.70 -8.90
C ARG A 179 -2.04 -7.02 -10.39
N ASP A 180 -2.95 -6.37 -11.11
CA ASP A 180 -3.09 -6.55 -12.55
C ASP A 180 -2.06 -5.72 -13.30
N ILE A 181 -1.41 -4.80 -12.59
CA ILE A 181 -0.37 -3.96 -13.20
C ILE A 181 1.02 -4.59 -13.10
N TYR A 182 1.30 -5.27 -11.99
CA TYR A 182 2.59 -5.93 -11.79
C TYR A 182 2.32 -7.43 -11.63
N GLU A 183 1.77 -8.02 -12.67
CA GLU A 183 1.37 -9.42 -12.65
C GLU A 183 2.47 -10.39 -12.27
N THR A 184 3.71 -10.07 -12.61
CA THR A 184 4.82 -10.95 -12.28
C THR A 184 5.20 -10.91 -10.80
N ASP A 185 4.54 -10.05 -10.03
CA ASP A 185 4.81 -9.97 -8.58
C ASP A 185 3.92 -10.98 -7.87
N TYR A 186 3.16 -11.73 -8.65
CA TYR A 186 2.22 -12.70 -8.10
C TYR A 186 2.38 -14.09 -8.68
N TYR A 187 2.04 -15.10 -7.89
CA TYR A 187 2.19 -16.48 -8.31
C TYR A 187 0.98 -17.30 -7.86
N ARG A 188 0.53 -18.19 -8.73
CA ARG A 188 -0.62 -19.01 -8.42
C ARG A 188 -0.29 -20.30 -7.68
N LYS A 189 -0.55 -20.29 -6.37
CA LYS A 189 -0.32 -21.44 -5.50
C LYS A 189 -1.19 -21.30 -4.25
N GLY A 190 -1.14 -22.29 -3.36
CA GLY A 190 -1.93 -22.28 -2.15
C GLY A 190 -3.37 -22.07 -2.54
N GLY A 191 -4.11 -23.16 -2.71
CA GLY A 191 -5.49 -23.09 -3.15
C GLY A 191 -5.51 -22.40 -4.50
N LYS A 192 -4.41 -22.54 -5.24
CA LYS A 192 -4.24 -21.94 -6.56
C LYS A 192 -4.84 -20.54 -6.74
N GLY A 193 -4.45 -19.61 -5.87
CA GLY A 193 -4.86 -18.22 -5.94
C GLY A 193 -3.61 -17.36 -6.08
N LEU A 194 -3.73 -16.19 -6.69
CA LEU A 194 -2.55 -15.33 -6.88
C LEU A 194 -2.00 -14.77 -5.58
N LEU A 195 -0.76 -15.13 -5.26
CA LEU A 195 -0.11 -14.66 -4.04
C LEU A 195 1.22 -13.95 -4.34
N PRO A 196 1.57 -12.93 -3.54
CA PRO A 196 2.80 -12.15 -3.74
C PRO A 196 3.95 -12.85 -3.02
N VAL A 197 4.29 -14.02 -3.53
CA VAL A 197 5.27 -14.89 -2.91
C VAL A 197 6.62 -14.30 -2.54
N ARG A 198 7.10 -13.34 -3.32
CA ARG A 198 8.41 -12.75 -3.04
C ARG A 198 8.38 -11.74 -1.90
N TRP A 199 7.18 -11.53 -1.36
CA TRP A 199 6.97 -10.60 -0.24
C TRP A 199 6.44 -11.34 0.98
N MET A 200 6.21 -12.63 0.85
CA MET A 200 5.58 -13.39 1.95
C MET A 200 6.51 -14.00 2.97
N SER A 201 6.06 -14.06 4.22
CA SER A 201 6.84 -14.65 5.30
C SER A 201 6.97 -16.16 5.09
N PRO A 202 7.94 -16.80 5.75
CA PRO A 202 8.08 -18.25 5.58
C PRO A 202 6.85 -18.99 6.13
N GLU A 203 6.29 -18.50 7.24
CA GLU A 203 5.11 -19.16 7.81
C GLU A 203 3.88 -19.02 6.92
N SER A 204 3.70 -17.85 6.29
CA SER A 204 2.59 -17.67 5.36
C SER A 204 2.76 -18.56 4.13
N LEU A 205 4.00 -18.71 3.68
CA LEU A 205 4.26 -19.53 2.51
C LEU A 205 3.90 -20.99 2.82
N LYS A 206 4.03 -21.36 4.10
CA LYS A 206 3.78 -22.74 4.52
C LYS A 206 2.30 -23.06 4.74
N ASP A 207 1.60 -22.22 5.50
CA ASP A 207 0.21 -22.51 5.85
C ASP A 207 -0.83 -21.55 5.30
N GLY A 208 -0.38 -20.57 4.52
CA GLY A 208 -1.27 -19.59 3.93
C GLY A 208 -1.92 -18.60 4.89
N VAL A 209 -1.46 -18.55 6.14
CA VAL A 209 -2.00 -17.60 7.11
C VAL A 209 -1.21 -16.29 7.24
N PHE A 210 -1.92 -15.16 7.31
CA PHE A 210 -1.29 -13.85 7.45
C PHE A 210 -1.62 -13.21 8.80
N THR A 211 -0.60 -12.58 9.39
CA THR A 211 -0.70 -11.91 10.69
C THR A 211 0.02 -10.56 10.63
N THR A 212 0.00 -9.82 11.74
CA THR A 212 0.72 -8.56 11.82
C THR A 212 2.23 -8.84 11.69
N TYR A 213 2.66 -10.00 12.16
CA TYR A 213 4.07 -10.38 12.09
C TYR A 213 4.50 -10.57 10.64
N SER A 214 3.60 -11.15 9.84
CA SER A 214 3.91 -11.38 8.43
C SER A 214 3.82 -10.05 7.63
N ASP A 215 3.08 -9.09 8.16
CA ASP A 215 3.04 -7.76 7.56
C ASP A 215 4.41 -7.09 7.78
N VAL A 216 4.98 -7.33 8.97
CA VAL A 216 6.31 -6.78 9.30
C VAL A 216 7.38 -7.40 8.40
N TRP A 217 7.25 -8.69 8.10
CA TRP A 217 8.17 -9.35 7.16
C TRP A 217 8.12 -8.60 5.85
N SER A 218 6.91 -8.38 5.36
CA SER A 218 6.70 -7.70 4.09
C SER A 218 7.29 -6.31 4.12
N PHE A 219 7.17 -5.64 5.26
CA PHE A 219 7.75 -4.31 5.44
C PHE A 219 9.26 -4.37 5.19
N GLY A 220 9.92 -5.41 5.69
CA GLY A 220 11.33 -5.57 5.45
C GLY A 220 11.63 -5.61 3.96
N VAL A 221 10.77 -6.30 3.20
CA VAL A 221 10.96 -6.39 1.76
C VAL A 221 10.77 -5.03 1.10
N VAL A 222 9.84 -4.23 1.63
CA VAL A 222 9.62 -2.87 1.13
C VAL A 222 10.87 -2.00 1.31
N LEU A 223 11.51 -2.13 2.47
CA LEU A 223 12.75 -1.40 2.76
C LEU A 223 13.79 -1.79 1.72
N TRP A 224 13.83 -3.09 1.43
CA TRP A 224 14.75 -3.64 0.44
C TRP A 224 14.45 -3.06 -0.95
N GLU A 225 13.15 -2.96 -1.29
CA GLU A 225 12.76 -2.38 -2.58
C GLU A 225 13.24 -0.94 -2.66
N ILE A 226 13.09 -0.21 -1.55
CA ILE A 226 13.49 1.20 -1.52
C ILE A 226 15.01 1.30 -1.71
N ALA A 227 15.75 0.43 -1.02
CA ALA A 227 17.21 0.41 -1.10
C ALA A 227 17.77 -0.06 -2.46
N THR A 228 16.93 -0.69 -3.28
CA THR A 228 17.39 -1.17 -4.58
C THR A 228 16.66 -0.47 -5.72
N LEU A 229 15.86 0.53 -5.38
CA LEU A 229 15.03 1.21 -6.37
C LEU A 229 14.09 0.20 -7.03
N ALA A 230 13.47 -0.61 -6.18
CA ALA A 230 12.48 -1.58 -6.63
C ALA A 230 12.93 -2.64 -7.63
N GLU A 231 14.04 -3.32 -7.33
CA GLU A 231 14.44 -4.46 -8.13
C GLU A 231 13.47 -5.56 -7.71
N GLN A 232 13.48 -6.68 -8.42
CA GLN A 232 12.63 -7.82 -8.10
C GLN A 232 13.31 -8.59 -6.98
N PRO A 233 12.60 -8.83 -5.85
CA PRO A 233 13.29 -9.60 -4.80
C PRO A 233 13.60 -11.00 -5.31
N TYR A 234 14.73 -11.54 -4.88
CA TYR A 234 15.15 -12.89 -5.28
C TYR A 234 15.32 -13.04 -6.79
N GLN A 235 15.83 -12.00 -7.44
CA GLN A 235 16.07 -12.03 -8.87
C GLN A 235 17.01 -13.22 -9.15
N GLY A 236 16.64 -14.06 -10.09
CA GLY A 236 17.47 -15.22 -10.39
C GLY A 236 16.83 -16.50 -9.87
N LEU A 237 15.88 -16.36 -8.95
CA LEU A 237 15.17 -17.52 -8.42
C LEU A 237 13.80 -17.56 -9.07
N SER A 238 13.34 -18.76 -9.44
CA SER A 238 12.02 -18.89 -10.04
C SER A 238 11.05 -18.74 -8.89
N ASN A 239 9.76 -18.72 -9.20
CA ASN A 239 8.75 -18.58 -8.16
C ASN A 239 8.80 -19.78 -7.22
N GLU A 240 8.98 -20.95 -7.78
CA GLU A 240 9.04 -22.18 -6.98
C GLU A 240 10.33 -22.22 -6.14
N GLN A 241 11.40 -21.68 -6.69
CA GLN A 241 12.67 -21.65 -5.96
C GLN A 241 12.54 -20.67 -4.79
N VAL A 242 11.82 -19.58 -5.01
CA VAL A 242 11.59 -18.63 -3.93
C VAL A 242 10.89 -19.29 -2.75
N LEU A 243 9.82 -20.06 -3.01
CA LEU A 243 9.08 -20.65 -1.90
C LEU A 243 10.00 -21.49 -1.02
N ARG A 244 10.80 -22.34 -1.65
CA ARG A 244 11.71 -23.22 -0.95
C ARG A 244 12.83 -22.49 -0.22
N PHE A 245 13.42 -21.49 -0.89
CA PHE A 245 14.52 -20.70 -0.32
C PHE A 245 14.10 -20.05 0.98
N VAL A 246 13.06 -19.23 0.91
CA VAL A 246 12.54 -18.49 2.06
C VAL A 246 12.03 -19.40 3.18
N MET A 247 11.32 -20.46 2.83
CA MET A 247 10.80 -21.36 3.85
C MET A 247 11.91 -22.05 4.63
N GLU A 248 13.06 -22.21 3.98
CA GLU A 248 14.21 -22.87 4.60
C GLU A 248 15.22 -21.88 5.17
N GLY A 249 14.78 -20.66 5.49
CA GLY A 249 15.63 -19.66 6.11
C GLY A 249 16.45 -18.74 5.23
N GLY A 250 16.31 -18.84 3.92
CA GLY A 250 17.08 -17.99 3.02
C GLY A 250 16.60 -16.55 3.11
N LEU A 251 17.54 -15.63 2.97
CA LEU A 251 17.25 -14.19 3.05
C LEU A 251 17.82 -13.45 1.85
N LEU A 252 17.24 -12.28 1.58
CA LEU A 252 17.71 -11.40 0.52
C LEU A 252 19.08 -10.87 0.92
N ASP A 253 19.91 -10.58 -0.08
CA ASP A 253 21.25 -10.05 0.14
C ASP A 253 21.21 -8.54 0.36
N LYS A 254 22.09 -8.05 1.21
CA LYS A 254 22.17 -6.61 1.49
C LYS A 254 22.41 -5.88 0.17
N PRO A 255 21.55 -4.90 -0.15
CA PRO A 255 21.74 -4.19 -1.41
C PRO A 255 23.08 -3.45 -1.46
N ASP A 256 23.55 -3.22 -2.68
CA ASP A 256 24.82 -2.51 -2.86
C ASP A 256 24.70 -1.11 -2.30
N ASN A 257 25.71 -0.69 -1.56
CA ASN A 257 25.72 0.63 -0.95
C ASN A 257 24.50 0.91 -0.08
N CYS A 258 24.01 -0.12 0.60
CA CYS A 258 22.86 0.04 1.48
C CYS A 258 23.35 0.41 2.88
N PRO A 259 22.81 1.50 3.45
CA PRO A 259 23.27 1.84 4.81
C PRO A 259 23.04 0.69 5.78
N ASP A 260 24.06 0.42 6.60
CA ASP A 260 24.03 -0.67 7.57
C ASP A 260 22.77 -0.74 8.41
N MET A 261 22.35 0.40 8.94
CA MET A 261 21.19 0.41 9.81
C MET A 261 19.88 0.08 9.08
N LEU A 262 19.87 0.32 7.77
CA LEU A 262 18.70 0.01 6.96
C LEU A 262 18.64 -1.50 6.80
N PHE A 263 19.81 -2.10 6.54
CA PHE A 263 19.85 -3.54 6.41
C PHE A 263 19.58 -4.18 7.76
N GLU A 264 20.01 -3.51 8.83
CA GLU A 264 19.77 -4.05 10.17
C GLU A 264 18.27 -4.17 10.43
N LEU A 265 17.52 -3.14 10.03
CA LEU A 265 16.07 -3.15 10.18
C LEU A 265 15.45 -4.29 9.36
N MET A 266 15.96 -4.50 8.16
CA MET A 266 15.48 -5.59 7.29
C MET A 266 15.66 -6.95 7.97
N ARG A 267 16.84 -7.18 8.56
CA ARG A 267 17.12 -8.44 9.22
C ARG A 267 16.22 -8.68 10.42
N MET A 268 15.90 -7.62 11.14
CA MET A 268 15.00 -7.73 12.27
C MET A 268 13.61 -8.14 11.76
N CYS A 269 13.17 -7.53 10.66
CA CYS A 269 11.86 -7.83 10.10
C CYS A 269 11.84 -9.26 9.54
N TRP A 270 13.00 -9.75 9.13
CA TRP A 270 13.11 -11.08 8.53
C TRP A 270 13.52 -12.20 9.50
N GLN A 271 13.29 -12.02 10.79
CA GLN A 271 13.56 -13.10 11.75
C GLN A 271 12.66 -14.28 11.38
N TYR A 272 13.21 -15.49 11.35
CA TYR A 272 12.41 -16.66 11.00
C TYR A 272 11.22 -16.85 11.94
N ASN A 273 11.46 -16.64 13.24
CA ASN A 273 10.39 -16.73 14.24
C ASN A 273 9.61 -15.43 14.26
N PRO A 274 8.33 -15.47 13.89
CA PRO A 274 7.50 -14.26 13.81
C PRO A 274 7.49 -13.43 15.08
N LYS A 275 7.58 -14.11 16.22
CA LYS A 275 7.56 -13.43 17.52
C LYS A 275 8.81 -12.64 17.80
N MET A 276 9.88 -12.92 17.06
CA MET A 276 11.16 -12.22 17.23
C MET A 276 11.21 -10.92 16.46
N ARG A 277 10.29 -10.75 15.52
CA ARG A 277 10.24 -9.56 14.69
C ARG A 277 9.75 -8.34 15.49
N PRO A 278 10.27 -7.14 15.18
CA PRO A 278 9.72 -6.00 15.90
C PRO A 278 8.30 -5.69 15.44
N SER A 279 7.56 -4.94 16.24
CA SER A 279 6.24 -4.47 15.83
C SER A 279 6.44 -3.19 15.03
N PHE A 280 5.43 -2.76 14.26
CA PHE A 280 5.56 -1.51 13.54
C PHE A 280 5.81 -0.35 14.53
N LEU A 281 5.22 -0.45 15.72
CA LEU A 281 5.43 0.58 16.75
C LEU A 281 6.90 0.63 17.16
N GLU A 282 7.49 -0.55 17.36
CA GLU A 282 8.90 -0.64 17.75
C GLU A 282 9.82 -0.11 16.65
N ILE A 283 9.44 -0.36 15.41
CA ILE A 283 10.22 0.14 14.27
C ILE A 283 10.22 1.67 14.32
N ILE A 284 9.04 2.25 14.46
CA ILE A 284 8.91 3.72 14.50
C ILE A 284 9.71 4.33 15.65
N SER A 285 9.59 3.74 16.84
CA SER A 285 10.28 4.24 18.02
C SER A 285 11.79 4.28 17.79
N SER A 286 12.30 3.37 16.97
CA SER A 286 13.72 3.31 16.68
C SER A 286 14.23 4.36 15.69
N ILE A 287 13.32 4.96 14.92
CA ILE A 287 13.71 5.96 13.92
C ILE A 287 12.99 7.30 14.13
N LYS A 288 12.16 7.34 15.16
CA LYS A 288 11.35 8.51 15.52
C LYS A 288 12.12 9.83 15.38
N GLU A 289 13.36 9.81 15.85
CA GLU A 289 14.23 10.98 15.88
C GLU A 289 14.55 11.51 14.48
N GLU A 290 14.54 10.62 13.49
CA GLU A 290 14.88 11.00 12.12
C GLU A 290 13.73 11.53 11.28
N MET A 291 12.51 11.43 11.78
CA MET A 291 11.32 11.89 11.07
C MET A 291 11.20 13.41 11.03
N GLU A 292 10.87 13.95 9.87
CA GLU A 292 10.70 15.39 9.72
C GLU A 292 9.71 15.91 10.74
N PRO A 293 9.96 17.12 11.27
CA PRO A 293 9.20 17.82 12.32
C PRO A 293 7.70 17.52 12.40
N GLY A 294 6.98 17.73 11.29
CA GLY A 294 5.53 17.53 11.25
C GLY A 294 5.00 16.14 11.53
N PHE A 295 5.88 15.16 11.67
CA PHE A 295 5.47 13.77 11.93
C PHE A 295 4.70 13.69 13.26
N ARG A 296 5.11 14.48 14.24
CA ARG A 296 4.46 14.48 15.55
C ARG A 296 2.97 14.83 15.46
N GLU A 297 2.63 15.80 14.63
CA GLU A 297 1.23 16.23 14.52
C GLU A 297 0.31 15.41 13.62
N VAL A 298 0.87 14.71 12.64
CA VAL A 298 0.05 13.94 11.69
C VAL A 298 0.09 12.42 11.90
N SER A 299 1.15 11.93 12.52
CA SER A 299 1.30 10.49 12.72
C SER A 299 0.33 9.84 13.69
N PHE A 300 0.10 8.55 13.48
CA PHE A 300 -0.70 7.74 14.38
C PHE A 300 0.12 7.51 15.64
N TYR A 301 1.41 7.31 15.45
CA TYR A 301 2.33 7.05 16.55
C TYR A 301 2.21 8.04 17.72
N TYR A 302 2.22 9.34 17.41
CA TYR A 302 2.14 10.39 18.42
C TYR A 302 0.70 10.86 18.71
N SER A 303 -0.28 10.14 18.19
CA SER A 303 -1.67 10.53 18.39
C SER A 303 -2.24 10.00 19.71
N GLU A 304 -3.35 10.59 20.15
CA GLU A 304 -3.99 10.14 21.39
C GLU A 304 -4.58 8.74 21.21
N GLU A 305 -4.78 8.34 19.96
CA GLU A 305 -5.32 7.02 19.69
C GLU A 305 -4.24 5.95 19.87
N ASN A 306 -2.97 6.35 19.83
CA ASN A 306 -1.89 5.39 20.05
C ASN A 306 -1.54 5.28 21.54
N LYS A 307 -2.36 4.50 22.24
CA LYS A 307 -2.23 4.20 23.65
C LYS A 307 -3.62 3.88 24.20
C BMI B . -4.67 8.19 -6.38
O BMI B . -4.10 9.34 -6.58
N BMI B . -5.14 4.73 -8.13
N1 BMI B . -5.42 7.92 -5.32
C1 BMI B . -5.22 5.85 -7.23
C2 BMI B . -5.92 5.69 -6.03
C3 BMI B . -6.00 6.73 -5.20
C4 BMI B . -4.88 3.29 -7.60
C5 BMI B . -2.92 1.53 -10.30
C6 BMI B . -3.95 1.92 -9.48
C7 BMI B . -1.66 2.08 -10.04
C8 BMI B . -3.73 2.82 -8.45
N2 BMI B . -2.51 3.37 -8.22
C9 BMI B . -1.48 3.02 -8.99
C10 BMI B . -4.57 7.12 -7.39
C11 BMI B . 0.68 8.64 -13.67
C12 BMI B . -0.63 8.08 -11.62
C13 BMI B . -1.05 8.63 -10.46
N3 BMI B . 0.45 8.63 -12.31
C14 BMI B . 1.48 9.25 -11.74
N4 BMI B . 2.40 9.67 -12.62
C15 BMI B . 1.91 9.30 -13.86
C16 BMI B . -2.11 8.02 -9.78
N5 BMI B . -3.62 6.53 -9.44
C17 BMI B . -3.73 7.33 -8.53
N6 BMI B . -2.81 8.25 -8.62
C18 BMI B . -2.64 6.97 -10.28
C19 BMI B . -2.19 6.48 -11.42
C20 BMI B . -1.22 7.02 -12.10
C21 BMI B . -2.89 5.26 -11.92
#